data_9DY3
#
_entry.id   9DY3
#
_cell.length_a   34.505
_cell.length_b   44.532
_cell.length_c   46.886
_cell.angle_alpha   78.95
_cell.angle_beta   84.44
_cell.angle_gamma   75.84
#
_symmetry.space_group_name_H-M   'P 1'
#
loop_
_entity.id
_entity.type
_entity.pdbx_description
1 polymer 'C4-dicarboxylate-binding periplasmic protein DctP'
2 non-polymer '(2S)-2-hydroxybutanedioic acid'
3 non-polymer 'ZINC ION'
4 water water
#
_entity_poly.entity_id   1
_entity_poly.type   'polypeptide(L)'
_entity_poly.pdbx_seq_one_letter_code
;SNAADPIVIKFSHVVAEHTPKGQGALLFKKLVEERLPGKVKVEVYPNSSLFGDGKE(MSE)EALLLGDVQIIAPSLAKFE
QYTKKLQIFDLPFLFDNIQAVDRFQQSPQGKELLTS(MSE)QDKGITGLGYWHNG(MSE)KQLSANKPLREPKDARGLKF
RVQASKVLEEQFKAVRANPRK(MSE)SFAEVYQGLQTGVVNGTENPWSNIYSQK(MSE)HEVQKYITESDHGVLDY
(MSE)VITNTKFWNGLPEDVRGVLAKT(MSE)DEVTVEVNKQAEALNQGDKQRIVEAKTSEIIELTPEQRAEWRKA
(MSE)QPVWKKFEGEIGADLIKAAEAANQAQ
;
_entity_poly.pdbx_strand_id   A
#
# COMPACT_ATOMS: atom_id res chain seq x y z
N PRO A 6 -8.10 7.85 29.45
CA PRO A 6 -7.39 8.46 28.33
C PRO A 6 -8.13 8.30 27.00
N ILE A 7 -7.81 9.17 26.05
CA ILE A 7 -8.31 9.06 24.70
C ILE A 7 -7.71 7.80 24.08
N VAL A 8 -8.57 6.92 23.56
CA VAL A 8 -8.10 5.68 22.96
C VAL A 8 -8.09 5.84 21.44
N ILE A 9 -6.91 5.59 20.85
CA ILE A 9 -6.75 5.58 19.41
C ILE A 9 -6.44 4.17 18.97
N LYS A 10 -7.38 3.52 18.30
N LYS A 10 -7.42 3.53 18.34
CA LYS A 10 -7.14 2.21 17.74
CA LYS A 10 -7.22 2.23 17.74
C LYS A 10 -6.58 2.39 16.33
C LYS A 10 -6.77 2.44 16.30
N PHE A 11 -5.48 1.68 16.02
N PHE A 11 -5.61 1.84 15.99
CA PHE A 11 -4.84 1.73 14.72
CA PHE A 11 -4.97 1.88 14.68
C PHE A 11 -4.92 0.31 14.17
C PHE A 11 -4.89 0.43 14.19
N SER A 12 -5.78 0.12 13.18
N SER A 12 -5.72 0.07 13.22
CA SER A 12 -6.00 -1.19 12.60
CA SER A 12 -5.74 -1.28 12.70
C SER A 12 -5.38 -1.28 11.22
C SER A 12 -5.12 -1.33 11.32
N HIS A 13 -4.79 -2.43 10.89
N HIS A 13 -4.59 -2.49 10.93
CA HIS A 13 -4.25 -2.64 9.56
CA HIS A 13 -4.06 -2.67 9.60
C HIS A 13 -4.22 -4.13 9.21
C HIS A 13 -4.02 -4.15 9.27
N VAL A 14 -3.77 -4.44 8.00
CA VAL A 14 -3.85 -5.79 7.46
C VAL A 14 -2.49 -6.48 7.30
N VAL A 15 -1.39 -5.83 7.69
CA VAL A 15 -0.08 -6.43 7.42
C VAL A 15 0.54 -7.01 8.69
N ALA A 16 1.63 -7.74 8.49
CA ALA A 16 2.39 -8.31 9.59
C ALA A 16 3.13 -7.21 10.34
N GLU A 17 3.64 -7.54 11.53
CA GLU A 17 4.32 -6.56 12.36
C GLU A 17 5.66 -6.11 11.75
N HIS A 18 6.42 -7.06 11.19
N HIS A 18 6.42 -7.07 11.21
CA HIS A 18 7.76 -6.75 10.68
CA HIS A 18 7.75 -6.76 10.69
C HIS A 18 7.66 -6.30 9.22
C HIS A 18 7.61 -6.33 9.22
N THR A 19 7.03 -5.14 9.04
CA THR A 19 6.81 -4.55 7.73
C THR A 19 6.87 -3.04 7.90
N PRO A 20 6.96 -2.26 6.80
CA PRO A 20 6.97 -0.80 6.93
C PRO A 20 5.79 -0.26 7.73
N LYS A 21 4.56 -0.69 7.40
CA LYS A 21 3.39 -0.19 8.09
C LYS A 21 3.26 -0.77 9.48
N GLY A 22 3.62 -2.05 9.65
CA GLY A 22 3.56 -2.66 10.96
C GLY A 22 4.48 -1.95 11.96
N GLN A 23 5.69 -1.62 11.49
N GLN A 23 5.70 -1.63 11.54
CA GLN A 23 6.68 -0.92 12.30
CA GLN A 23 6.60 -0.91 12.41
C GLN A 23 6.25 0.52 12.56
C GLN A 23 6.07 0.50 12.65
N GLY A 24 5.62 1.14 11.56
CA GLY A 24 5.16 2.52 11.67
C GLY A 24 4.06 2.65 12.72
N ALA A 25 3.10 1.73 12.70
CA ALA A 25 2.01 1.79 13.66
C ALA A 25 2.54 1.63 15.09
N LEU A 26 3.50 0.71 15.29
CA LEU A 26 4.07 0.49 16.61
C LEU A 26 4.90 1.69 17.07
N LEU A 27 5.61 2.34 16.15
CA LEU A 27 6.39 3.51 16.51
C LEU A 27 5.46 4.65 16.93
N PHE A 28 4.34 4.83 16.21
CA PHE A 28 3.38 5.86 16.60
C PHE A 28 2.88 5.60 18.02
N LYS A 29 2.53 4.35 18.31
CA LYS A 29 2.12 3.99 19.67
C LYS A 29 3.19 4.37 20.69
N LYS A 30 4.43 3.96 20.42
CA LYS A 30 5.52 4.18 21.35
C LYS A 30 5.70 5.66 21.65
N LEU A 31 5.77 6.49 20.60
CA LEU A 31 6.04 7.91 20.80
C LEU A 31 4.86 8.61 21.45
N VAL A 32 3.64 8.30 21.00
CA VAL A 32 2.46 8.96 21.55
C VAL A 32 2.36 8.70 23.05
N GLU A 33 2.55 7.44 23.45
CA GLU A 33 2.37 7.06 24.85
C GLU A 33 3.46 7.66 25.74
N GLU A 34 4.63 7.97 25.18
CA GLU A 34 5.70 8.63 25.90
C GLU A 34 5.40 10.12 26.08
N ARG A 35 4.79 10.72 25.05
CA ARG A 35 4.61 12.17 24.97
C ARG A 35 3.31 12.65 25.61
N LEU A 36 2.30 11.79 25.64
CA LEU A 36 1.01 12.13 26.23
C LEU A 36 0.66 11.08 27.27
N PRO A 37 1.52 10.88 28.28
CA PRO A 37 1.36 9.79 29.25
C PRO A 37 0.05 9.89 30.04
N GLY A 38 -0.78 8.85 29.88
CA GLY A 38 -2.05 8.76 30.59
C GLY A 38 -3.14 9.62 29.95
N LYS A 39 -2.81 10.31 28.85
CA LYS A 39 -3.77 11.17 28.17
C LYS A 39 -4.25 10.51 26.88
N VAL A 40 -3.35 9.79 26.21
CA VAL A 40 -3.69 9.08 24.99
C VAL A 40 -3.05 7.70 25.04
N LYS A 41 -3.86 6.69 24.70
CA LYS A 41 -3.41 5.32 24.55
C LYS A 41 -3.63 4.91 23.10
N VAL A 42 -2.65 4.23 22.52
CA VAL A 42 -2.75 3.78 21.14
C VAL A 42 -2.76 2.26 21.18
N GLU A 43 -3.78 1.66 20.58
CA GLU A 43 -3.90 0.22 20.49
C GLU A 43 -3.71 -0.17 19.03
N VAL A 44 -2.73 -1.02 18.75
CA VAL A 44 -2.41 -1.41 17.38
C VAL A 44 -2.90 -2.84 17.11
N TYR A 45 -3.62 -3.01 16.01
CA TYR A 45 -4.20 -4.29 15.65
C TYR A 45 -3.70 -4.69 14.26
N PRO A 46 -2.63 -5.50 14.15
CA PRO A 46 -2.09 -5.89 12.86
C PRO A 46 -2.82 -7.09 12.26
N ASN A 47 -2.45 -7.47 11.04
CA ASN A 47 -2.86 -8.76 10.47
C ASN A 47 -4.38 -8.94 10.39
N SER A 48 -5.12 -7.85 10.20
CA SER A 48 -6.57 -7.92 10.07
C SER A 48 -7.19 -8.48 11.34
N SER A 49 -6.47 -8.37 12.47
CA SER A 49 -6.96 -8.91 13.74
C SER A 49 -8.18 -8.18 14.28
N LEU A 50 -8.40 -6.94 13.84
CA LEU A 50 -9.57 -6.17 14.25
C LEU A 50 -10.48 -5.97 13.04
N PHE A 51 -9.94 -5.30 11.99
CA PHE A 51 -10.68 -5.09 10.76
C PHE A 51 -9.81 -5.45 9.57
N GLY A 52 -10.43 -6.11 8.57
N GLY A 52 -10.41 -6.15 8.60
CA GLY A 52 -9.76 -6.52 7.35
CA GLY A 52 -9.73 -6.48 7.36
C GLY A 52 -10.20 -5.70 6.14
C GLY A 52 -9.98 -5.41 6.30
N ASP A 53 -9.59 -6.01 4.99
N ASP A 53 -9.52 -5.67 5.08
CA ASP A 53 -9.88 -5.34 3.73
CA ASP A 53 -9.71 -4.76 3.97
C ASP A 53 -11.38 -5.29 3.46
C ASP A 53 -11.18 -4.38 3.81
N GLY A 54 -11.82 -4.13 2.98
N GLY A 54 -12.07 -5.37 3.89
CA GLY A 54 -13.20 -3.93 2.59
CA GLY A 54 -13.46 -5.18 3.55
C GLY A 54 -14.08 -3.44 3.75
C GLY A 54 -14.19 -4.21 4.47
N LYS A 55 -13.64 -3.65 4.99
N LYS A 55 -13.73 -4.09 5.70
CA LYS A 55 -14.48 -3.40 6.16
CA LYS A 55 -14.58 -3.44 6.66
C LYS A 55 -13.90 -2.34 7.13
C LYS A 55 -13.85 -2.33 7.40
N GLU A 56 -12.63 -1.99 6.99
CA GLU A 56 -11.95 -0.99 7.80
C GLU A 56 -12.50 0.42 7.60
N GLU A 58 -15.55 1.30 6.88
N GLU A 58 -15.74 1.19 6.89
CA GLU A 58 -16.79 1.34 7.65
CA GLU A 58 -16.95 1.17 7.70
C GLU A 58 -16.49 1.57 9.12
C GLU A 58 -16.60 1.45 9.16
N ALA A 59 -15.54 0.80 9.66
CA ALA A 59 -15.15 0.93 11.07
C ALA A 59 -14.69 2.34 11.39
N LEU A 60 -13.90 2.93 10.48
CA LEU A 60 -13.38 4.26 10.71
C LEU A 60 -14.52 5.27 10.79
N LEU A 61 -15.49 5.17 9.89
CA LEU A 61 -16.54 6.16 9.86
C LEU A 61 -17.56 5.93 10.99
N LEU A 62 -17.74 4.70 11.45
N LEU A 62 -17.68 4.70 11.48
CA LEU A 62 -18.67 4.45 12.56
CA LEU A 62 -18.62 4.34 12.53
C LEU A 62 -18.03 4.91 13.87
C LEU A 62 -18.00 4.56 13.91
N GLY A 63 -16.70 4.88 13.93
CA GLY A 63 -15.98 5.22 15.15
C GLY A 63 -15.45 4.00 15.90
N ASP A 64 -15.37 2.84 15.21
CA ASP A 64 -14.86 1.62 15.82
C ASP A 64 -13.34 1.56 15.73
N VAL A 65 -12.73 2.41 14.88
N VAL A 65 -12.75 2.39 14.85
CA VAL A 65 -11.28 2.50 14.78
CA VAL A 65 -11.31 2.54 14.76
C VAL A 65 -10.99 3.98 14.45
C VAL A 65 -11.06 4.04 14.63
N GLN A 66 -9.82 4.47 14.87
CA GLN A 66 -9.49 5.89 14.77
C GLN A 66 -8.45 6.19 13.70
N ILE A 67 -7.53 5.26 13.42
CA ILE A 67 -6.55 5.46 12.35
C ILE A 67 -6.43 4.16 11.57
N ILE A 68 -6.46 4.29 10.24
CA ILE A 68 -6.16 3.17 9.35
C ILE A 68 -5.19 3.70 8.29
N ALA A 69 -4.58 2.81 7.53
CA ALA A 69 -3.62 3.23 6.52
C ALA A 69 -3.69 2.32 5.31
N PRO A 70 -4.80 2.39 4.55
CA PRO A 70 -4.96 1.53 3.39
C PRO A 70 -4.00 1.86 2.27
N SER A 71 -3.69 0.85 1.47
CA SER A 71 -3.04 1.04 0.19
C SER A 71 -3.78 2.10 -0.62
N LEU A 72 -3.02 2.92 -1.35
CA LEU A 72 -3.58 3.94 -2.24
C LEU A 72 -4.44 3.31 -3.31
N ALA A 73 -4.29 1.99 -3.54
CA ALA A 73 -5.07 1.27 -4.53
C ALA A 73 -6.48 0.93 -4.07
N LYS A 74 -6.88 1.26 -2.83
CA LYS A 74 -8.14 0.76 -2.28
C LYS A 74 -9.15 1.88 -1.98
N PHE A 75 -9.08 2.98 -2.75
CA PHE A 75 -9.98 4.10 -2.48
C PHE A 75 -10.93 4.45 -3.61
N GLU A 76 -11.03 3.64 -4.67
CA GLU A 76 -11.81 4.02 -5.85
C GLU A 76 -13.29 4.26 -5.55
N GLN A 77 -13.81 3.66 -4.46
CA GLN A 77 -15.23 3.81 -4.13
C GLN A 77 -15.49 5.12 -3.37
N TYR A 78 -14.42 5.84 -3.01
CA TYR A 78 -14.52 7.04 -2.19
C TYR A 78 -14.02 8.29 -2.94
N THR A 79 -13.02 8.10 -3.82
CA THR A 79 -12.47 9.15 -4.68
C THR A 79 -11.91 8.46 -5.92
N LYS A 80 -11.88 9.18 -7.05
CA LYS A 80 -11.33 8.61 -8.28
C LYS A 80 -9.90 9.10 -8.51
N LYS A 81 -9.38 9.96 -7.64
CA LYS A 81 -8.08 10.59 -7.89
C LYS A 81 -6.89 9.73 -7.47
N LEU A 82 -7.03 8.95 -6.39
CA LEU A 82 -5.91 8.19 -5.85
C LEU A 82 -5.53 7.02 -6.76
N GLN A 83 -6.41 6.67 -7.69
CA GLN A 83 -6.15 5.63 -8.68
C GLN A 83 -4.85 5.92 -9.45
N ILE A 84 -4.45 7.20 -9.50
CA ILE A 84 -3.22 7.58 -10.17
C ILE A 84 -2.03 6.75 -9.68
N PHE A 85 -2.05 6.33 -8.41
CA PHE A 85 -0.91 5.61 -7.85
C PHE A 85 -0.86 4.16 -8.31
N ASP A 86 -1.95 3.67 -8.93
CA ASP A 86 -2.03 2.28 -9.39
C ASP A 86 -1.49 2.14 -10.83
N LEU A 87 -1.37 3.25 -11.55
CA LEU A 87 -1.00 3.21 -12.95
C LEU A 87 0.36 2.52 -13.11
N PRO A 88 0.45 1.42 -13.90
CA PRO A 88 1.71 0.70 -14.05
C PRO A 88 2.77 1.53 -14.74
N PHE A 89 4.00 1.51 -14.17
CA PHE A 89 5.15 2.20 -14.73
C PHE A 89 4.93 3.71 -14.82
N LEU A 90 4.05 4.27 -13.99
CA LEU A 90 3.84 5.72 -13.99
C LEU A 90 5.07 6.42 -13.42
N PHE A 91 5.48 6.02 -12.22
CA PHE A 91 6.62 6.63 -11.55
C PHE A 91 7.87 5.80 -11.84
N ASP A 92 8.94 6.49 -12.25
CA ASP A 92 10.20 5.85 -12.63
C ASP A 92 10.91 5.26 -11.41
N ASN A 93 10.82 5.95 -10.27
N ASN A 93 10.79 5.90 -10.24
CA ASN A 93 11.51 5.55 -9.05
CA ASN A 93 11.43 5.40 -9.04
C ASN A 93 10.78 6.10 -7.83
C ASN A 93 10.66 5.91 -7.82
N ILE A 94 11.23 5.67 -6.63
CA ILE A 94 10.63 6.05 -5.36
C ILE A 94 10.66 7.56 -5.16
N GLN A 95 11.76 8.20 -5.59
N GLN A 95 11.76 8.20 -5.57
CA GLN A 95 11.96 9.62 -5.41
CA GLN A 95 11.93 9.64 -5.39
C GLN A 95 10.85 10.38 -6.13
C GLN A 95 10.82 10.38 -6.12
N ALA A 96 10.49 9.91 -7.33
CA ALA A 96 9.45 10.52 -8.13
C ALA A 96 8.11 10.44 -7.40
N VAL A 97 7.76 9.24 -6.90
CA VAL A 97 6.53 9.03 -6.15
C VAL A 97 6.49 10.03 -4.98
N ASP A 98 7.61 10.11 -4.27
CA ASP A 98 7.73 10.99 -3.11
C ASP A 98 7.62 12.46 -3.53
N ARG A 99 8.24 12.84 -4.64
CA ARG A 99 8.20 14.22 -5.11
C ARG A 99 6.75 14.58 -5.47
N PHE A 100 6.02 13.62 -6.04
CA PHE A 100 4.62 13.88 -6.36
C PHE A 100 3.81 14.03 -5.07
N GLN A 101 4.04 13.12 -4.11
CA GLN A 101 3.29 13.12 -2.85
C GLN A 101 3.53 14.43 -2.09
N GLN A 102 4.76 14.95 -2.16
CA GLN A 102 5.15 16.15 -1.44
C GLN A 102 4.80 17.45 -2.17
N SER A 103 4.39 17.36 -3.46
CA SER A 103 4.06 18.55 -4.23
C SER A 103 2.72 19.13 -3.76
N PRO A 104 2.38 20.40 -4.12
CA PRO A 104 1.07 20.93 -3.73
C PRO A 104 -0.11 20.05 -4.14
N GLN A 105 -0.05 19.48 -5.35
N GLN A 105 -0.06 19.48 -5.35
CA GLN A 105 -1.12 18.63 -5.85
CA GLN A 105 -1.14 18.64 -5.84
C GLN A 105 -1.20 17.35 -5.02
C GLN A 105 -1.20 17.35 -5.03
N GLY A 106 -0.04 16.76 -4.74
CA GLY A 106 0.04 15.55 -3.94
C GLY A 106 -0.58 15.76 -2.56
N LYS A 107 -0.26 16.90 -1.94
CA LYS A 107 -0.77 17.23 -0.62
C LYS A 107 -2.29 17.44 -0.65
N GLU A 108 -2.80 18.06 -1.71
CA GLU A 108 -4.25 18.30 -1.76
C GLU A 108 -5.00 16.97 -1.78
N LEU A 109 -4.38 15.91 -2.30
CA LEU A 109 -5.03 14.60 -2.37
C LEU A 109 -5.29 14.01 -0.99
N LEU A 110 -4.58 14.50 0.05
CA LEU A 110 -4.81 14.09 1.42
C LEU A 110 -6.19 14.52 1.88
N THR A 111 -6.83 15.48 1.18
CA THR A 111 -8.17 15.93 1.54
C THR A 111 -9.20 15.46 0.51
N SER A 112 -8.83 14.48 -0.33
CA SER A 112 -9.68 14.01 -1.41
C SER A 112 -10.96 13.33 -0.92
N GLN A 114 -12.53 14.41 2.01
CA GLN A 114 -13.09 15.37 2.96
C GLN A 114 -14.59 15.17 3.10
N ASP A 115 -15.29 14.93 1.97
CA ASP A 115 -16.74 14.85 1.94
C ASP A 115 -17.25 13.58 2.62
N LYS A 116 -16.37 12.59 2.80
CA LYS A 116 -16.72 11.34 3.46
C LYS A 116 -16.32 11.38 4.93
N GLY A 117 -15.88 12.56 5.39
CA GLY A 117 -15.48 12.73 6.78
C GLY A 117 -14.14 12.11 7.09
N ILE A 118 -13.25 12.11 6.09
CA ILE A 118 -11.93 11.50 6.22
C ILE A 118 -10.85 12.58 6.10
N THR A 119 -9.88 12.52 7.03
CA THR A 119 -8.71 13.38 7.04
C THR A 119 -7.46 12.56 6.70
N GLY A 120 -6.69 13.02 5.70
CA GLY A 120 -5.41 12.41 5.34
C GLY A 120 -4.29 12.98 6.21
N LEU A 121 -3.54 12.10 6.87
CA LEU A 121 -2.49 12.50 7.79
C LEU A 121 -1.10 12.37 7.18
N GLY A 122 -0.97 11.60 6.10
CA GLY A 122 0.32 11.48 5.44
C GLY A 122 0.39 10.28 4.51
N TYR A 123 1.46 10.25 3.70
CA TYR A 123 1.77 9.13 2.85
C TYR A 123 2.88 8.29 3.50
N TRP A 124 2.66 6.97 3.54
CA TRP A 124 3.67 6.03 4.00
C TRP A 124 4.11 5.16 2.84
N HIS A 125 5.42 5.18 2.59
N HIS A 125 5.42 4.89 2.75
CA HIS A 125 5.99 4.44 1.49
CA HIS A 125 5.99 4.03 1.72
C HIS A 125 6.28 3.01 1.95
C HIS A 125 6.02 2.55 2.14
N ASN A 126 5.84 2.03 1.16
N ASN A 126 5.96 1.68 1.12
CA ASN A 126 6.23 0.65 1.36
CA ASN A 126 6.26 0.26 1.31
C ASN A 126 7.28 0.36 0.29
C ASN A 126 7.37 -0.07 0.31
N GLY A 127 6.85 0.14 -0.95
N GLY A 127 7.00 -0.35 -0.94
CA GLY A 127 7.81 -0.06 -2.01
CA GLY A 127 8.01 -0.66 -1.94
C GLY A 127 7.14 -0.44 -3.32
C GLY A 127 7.40 -0.92 -3.31
N LYS A 129 6.23 -2.98 -6.48
CA LYS A 129 5.67 -4.32 -6.55
C LYS A 129 6.49 -5.20 -7.50
N GLN A 130 6.52 -6.50 -7.13
CA GLN A 130 7.18 -7.56 -7.88
C GLN A 130 6.13 -8.61 -8.26
N LEU A 131 6.23 -9.11 -9.51
CA LEU A 131 5.35 -10.15 -10.00
C LEU A 131 5.79 -11.50 -9.44
N SER A 132 4.81 -12.38 -9.19
CA SER A 132 5.14 -13.74 -8.78
C SER A 132 4.13 -14.70 -9.41
N ALA A 133 4.58 -15.94 -9.58
CA ALA A 133 3.76 -17.01 -10.13
C ALA A 133 4.49 -18.34 -9.93
N ASN A 134 3.90 -19.44 -10.42
CA ASN A 134 4.55 -20.74 -10.33
C ASN A 134 5.20 -21.10 -11.66
N LYS A 135 5.23 -20.13 -12.58
CA LYS A 135 5.98 -20.25 -13.82
C LYS A 135 6.83 -19.00 -13.97
N PRO A 136 7.98 -19.06 -14.67
CA PRO A 136 8.83 -17.88 -14.84
C PRO A 136 8.09 -16.81 -15.63
N LEU A 137 8.04 -15.60 -15.08
CA LEU A 137 7.43 -14.46 -15.76
C LEU A 137 8.56 -13.56 -16.25
N ARG A 138 9.02 -13.79 -17.49
CA ARG A 138 10.12 -13.05 -18.06
C ARG A 138 9.61 -12.00 -19.06
N GLU A 139 8.62 -12.39 -19.87
CA GLU A 139 8.02 -11.49 -20.84
C GLU A 139 6.51 -11.55 -20.72
N PRO A 140 5.77 -10.51 -21.17
CA PRO A 140 4.31 -10.46 -21.02
C PRO A 140 3.51 -11.70 -21.42
N LYS A 141 3.94 -12.38 -22.50
CA LYS A 141 3.21 -13.54 -22.98
C LYS A 141 3.21 -14.64 -21.93
N ASP A 142 4.16 -14.59 -21.00
CA ASP A 142 4.30 -15.61 -19.96
C ASP A 142 3.13 -15.55 -18.98
N ALA A 143 2.46 -14.40 -18.91
CA ALA A 143 1.35 -14.19 -17.99
C ALA A 143 0.02 -14.64 -18.61
N ARG A 144 0.03 -14.92 -19.91
CA ARG A 144 -1.21 -15.26 -20.62
C ARG A 144 -1.91 -16.45 -19.96
N GLY A 145 -3.20 -16.27 -19.66
CA GLY A 145 -4.04 -17.32 -19.13
C GLY A 145 -3.88 -17.55 -17.62
N LEU A 146 -2.97 -16.81 -16.96
CA LEU A 146 -2.78 -16.97 -15.54
C LEU A 146 -3.82 -16.16 -14.78
N LYS A 147 -4.13 -16.59 -13.55
CA LYS A 147 -5.05 -15.88 -12.69
C LYS A 147 -4.23 -15.16 -11.64
N PHE A 148 -4.33 -13.82 -11.61
CA PHE A 148 -3.56 -13.01 -10.68
C PHE A 148 -4.46 -12.35 -9.66
N ARG A 149 -4.07 -12.48 -8.39
CA ARG A 149 -4.74 -11.72 -7.35
C ARG A 149 -4.27 -10.28 -7.42
N VAL A 150 -5.25 -9.36 -7.33
CA VAL A 150 -4.98 -7.95 -7.22
C VAL A 150 -5.77 -7.39 -6.04
N GLN A 151 -5.30 -6.26 -5.54
CA GLN A 151 -6.07 -5.43 -4.63
C GLN A 151 -7.33 -4.98 -5.38
N ALA A 152 -8.33 -4.51 -4.61
CA ALA A 152 -9.61 -4.13 -5.16
C ALA A 152 -9.49 -2.79 -5.90
N SER A 153 -8.94 -2.87 -7.13
CA SER A 153 -8.68 -1.73 -7.99
C SER A 153 -9.00 -2.06 -9.44
N LYS A 154 -9.80 -1.21 -10.09
CA LYS A 154 -10.13 -1.38 -11.50
C LYS A 154 -8.87 -1.19 -12.35
N VAL A 155 -7.98 -0.30 -11.90
CA VAL A 155 -6.75 -0.05 -12.63
C VAL A 155 -5.89 -1.32 -12.67
N LEU A 156 -5.75 -1.99 -11.52
CA LEU A 156 -4.92 -3.18 -11.43
C LEU A 156 -5.55 -4.33 -12.20
N GLU A 157 -6.87 -4.38 -12.26
CA GLU A 157 -7.53 -5.38 -13.08
C GLU A 157 -7.14 -5.17 -14.54
N GLU A 158 -7.20 -3.91 -15.00
CA GLU A 158 -6.88 -3.59 -16.39
C GLU A 158 -5.42 -3.92 -16.70
N GLN A 159 -4.53 -3.68 -15.73
CA GLN A 159 -3.13 -3.97 -15.88
C GLN A 159 -2.90 -5.42 -16.30
N PHE A 160 -3.62 -6.36 -15.66
CA PHE A 160 -3.45 -7.77 -15.97
C PHE A 160 -4.23 -8.18 -17.22
N LYS A 161 -5.39 -7.55 -17.46
CA LYS A 161 -6.16 -7.85 -18.67
C LYS A 161 -5.33 -7.51 -19.89
N ALA A 162 -4.46 -6.50 -19.75
CA ALA A 162 -3.61 -6.04 -20.84
C ALA A 162 -2.63 -7.13 -21.27
N VAL A 163 -2.27 -8.02 -20.34
CA VAL A 163 -1.33 -9.09 -20.65
C VAL A 163 -2.08 -10.44 -20.69
N ARG A 164 -3.38 -10.36 -20.95
CA ARG A 164 -4.24 -11.52 -21.16
C ARG A 164 -4.26 -12.45 -19.97
N ALA A 165 -4.10 -11.86 -18.78
CA ALA A 165 -4.23 -12.62 -17.56
C ALA A 165 -5.62 -12.33 -17.00
N ASN A 166 -6.05 -13.16 -16.05
CA ASN A 166 -7.38 -13.03 -15.47
C ASN A 166 -7.26 -12.53 -14.04
N PRO A 167 -7.46 -11.22 -13.78
CA PRO A 167 -7.31 -10.69 -12.43
C PRO A 167 -8.50 -11.04 -11.53
N ARG A 168 -8.20 -11.28 -10.25
CA ARG A 168 -9.23 -11.54 -9.26
C ARG A 168 -8.96 -10.63 -8.06
N LYS A 169 -9.93 -9.80 -7.72
CA LYS A 169 -9.81 -8.94 -6.56
C LYS A 169 -10.00 -9.78 -5.30
N SER A 171 -9.18 -9.75 -0.78
N SER A 171 -9.19 -9.76 -0.80
CA SER A 171 -8.68 -9.11 0.41
CA SER A 171 -8.68 -9.17 0.42
C SER A 171 -7.30 -9.68 0.75
C SER A 171 -7.25 -9.66 0.64
N PHE A 172 -6.43 -8.83 1.27
CA PHE A 172 -5.04 -9.21 1.51
C PHE A 172 -4.94 -10.47 2.37
N ALA A 173 -5.80 -10.61 3.38
CA ALA A 173 -5.68 -11.74 4.27
C ALA A 173 -5.91 -13.07 3.55
N GLU A 174 -6.58 -13.02 2.39
CA GLU A 174 -6.97 -14.23 1.68
C GLU A 174 -5.99 -14.67 0.58
N VAL A 175 -4.93 -13.89 0.30
CA VAL A 175 -4.11 -14.18 -0.86
C VAL A 175 -3.35 -15.51 -0.73
N TYR A 176 -2.66 -15.72 0.40
CA TYR A 176 -1.89 -16.95 0.57
C TYR A 176 -2.76 -18.18 0.27
N GLN A 177 -3.94 -18.23 0.86
N GLN A 177 -3.94 -18.23 0.87
CA GLN A 177 -4.83 -19.37 0.67
CA GLN A 177 -4.84 -19.36 0.67
C GLN A 177 -5.32 -19.43 -0.78
C GLN A 177 -5.29 -19.43 -0.79
N GLY A 178 -5.54 -18.27 -1.40
CA GLY A 178 -5.97 -18.24 -2.78
C GLY A 178 -4.92 -18.85 -3.70
N LEU A 179 -3.64 -18.56 -3.42
CA LEU A 179 -2.53 -19.08 -4.21
C LEU A 179 -2.35 -20.58 -3.97
N GLN A 180 -2.41 -20.98 -2.71
CA GLN A 180 -2.19 -22.38 -2.36
C GLN A 180 -3.26 -23.26 -3.02
N THR A 181 -4.51 -22.77 -3.09
CA THR A 181 -5.63 -23.57 -3.60
C THR A 181 -5.82 -23.39 -5.10
N GLY A 182 -4.99 -22.56 -5.76
CA GLY A 182 -5.08 -22.41 -7.20
C GLY A 182 -6.22 -21.51 -7.66
N VAL A 183 -6.95 -20.89 -6.71
CA VAL A 183 -7.97 -19.91 -7.08
C VAL A 183 -7.28 -18.84 -7.91
N VAL A 184 -6.06 -18.48 -7.48
CA VAL A 184 -5.18 -17.61 -8.26
C VAL A 184 -3.84 -18.35 -8.34
N ASN A 185 -3.02 -18.03 -9.33
CA ASN A 185 -1.73 -18.70 -9.44
C ASN A 185 -0.57 -17.71 -9.44
N GLY A 186 -0.87 -16.40 -9.46
CA GLY A 186 0.16 -15.38 -9.38
C GLY A 186 -0.39 -14.13 -8.71
N THR A 187 0.49 -13.18 -8.42
CA THR A 187 0.07 -11.91 -7.85
C THR A 187 1.21 -10.91 -7.99
N GLU A 188 1.08 -9.80 -7.27
CA GLU A 188 2.07 -8.74 -7.24
C GLU A 188 2.16 -8.25 -5.81
N ASN A 189 3.35 -7.85 -5.38
CA ASN A 189 3.55 -7.47 -3.99
C ASN A 189 4.94 -6.87 -3.83
N PRO A 190 5.15 -5.91 -2.90
CA PRO A 190 6.50 -5.57 -2.50
C PRO A 190 7.10 -6.77 -1.75
N TRP A 191 8.43 -6.85 -1.69
CA TRP A 191 9.09 -7.99 -1.07
C TRP A 191 8.55 -8.31 0.31
N SER A 192 8.32 -7.29 1.12
CA SER A 192 7.95 -7.53 2.51
C SER A 192 6.59 -8.21 2.62
N ASN A 193 5.67 -7.97 1.68
CA ASN A 193 4.38 -8.65 1.73
C ASN A 193 4.48 -10.08 1.22
N ILE A 194 5.44 -10.36 0.34
CA ILE A 194 5.68 -11.74 -0.08
C ILE A 194 6.18 -12.55 1.12
N TYR A 195 7.26 -12.10 1.75
CA TYR A 195 7.90 -12.87 2.80
C TYR A 195 7.01 -12.99 4.03
N SER A 196 6.44 -11.87 4.50
CA SER A 196 5.71 -11.87 5.76
C SER A 196 4.43 -12.71 5.71
N GLN A 197 3.87 -12.93 4.50
CA GLN A 197 2.66 -13.73 4.36
C GLN A 197 2.98 -15.12 3.82
N LYS A 198 4.29 -15.44 3.73
CA LYS A 198 4.78 -16.74 3.30
C LYS A 198 4.41 -17.07 1.86
N HIS A 200 6.12 -16.80 -0.77
CA HIS A 200 7.22 -17.45 -1.47
C HIS A 200 7.08 -18.98 -1.38
N GLU A 201 6.40 -19.47 -0.32
CA GLU A 201 6.21 -20.91 -0.16
C GLU A 201 5.26 -21.47 -1.20
N VAL A 202 4.47 -20.61 -1.85
CA VAL A 202 3.49 -21.04 -2.83
C VAL A 202 3.67 -20.30 -4.15
N GLN A 203 4.84 -19.67 -4.34
CA GLN A 203 5.19 -19.00 -5.57
C GLN A 203 6.65 -19.33 -5.88
N LYS A 204 6.84 -20.18 -6.90
CA LYS A 204 8.17 -20.67 -7.26
C LYS A 204 9.05 -19.60 -7.90
N TYR A 205 8.42 -18.64 -8.61
CA TYR A 205 9.18 -17.63 -9.35
C TYR A 205 8.70 -16.22 -9.02
N ILE A 206 9.65 -15.37 -8.61
CA ILE A 206 9.37 -13.97 -8.33
C ILE A 206 10.21 -13.13 -9.27
N THR A 207 9.56 -12.28 -10.08
CA THR A 207 10.26 -11.41 -11.01
C THR A 207 10.40 -10.02 -10.41
N GLU A 208 11.63 -9.50 -10.44
CA GLU A 208 11.93 -8.17 -9.93
C GLU A 208 11.56 -7.18 -11.04
N SER A 209 10.25 -6.89 -11.12
CA SER A 209 9.67 -6.06 -12.15
C SER A 209 9.54 -4.59 -11.77
N ASP A 210 9.44 -4.29 -10.46
CA ASP A 210 9.26 -2.92 -9.99
C ASP A 210 8.26 -2.20 -10.90
N HIS A 211 7.07 -2.81 -11.11
CA HIS A 211 6.16 -2.32 -12.13
C HIS A 211 5.06 -1.38 -11.62
N GLY A 212 5.00 -1.14 -10.31
CA GLY A 212 3.99 -0.25 -9.75
C GLY A 212 4.26 0.01 -8.28
N VAL A 213 3.54 1.01 -7.73
CA VAL A 213 3.69 1.47 -6.36
C VAL A 213 2.80 0.70 -5.39
N LEU A 214 3.34 0.40 -4.21
CA LEU A 214 2.54 -0.04 -3.08
C LEU A 214 2.87 0.93 -1.94
N ASP A 215 2.03 1.95 -1.77
CA ASP A 215 2.14 2.94 -0.71
C ASP A 215 0.79 3.06 -0.01
N TYR A 216 0.77 3.82 1.10
CA TYR A 216 -0.41 3.98 1.92
C TYR A 216 -0.74 5.45 2.13
N VAL A 218 -2.22 7.29 5.38
CA VAL A 218 -2.68 7.24 6.76
C VAL A 218 -3.86 8.20 6.88
N ILE A 219 -4.99 7.69 7.36
CA ILE A 219 -6.22 8.46 7.44
C ILE A 219 -6.90 8.31 8.80
N THR A 220 -7.70 9.31 9.16
CA THR A 220 -8.50 9.30 10.37
C THR A 220 -9.89 9.86 10.05
N ASN A 221 -10.79 9.76 11.03
CA ASN A 221 -12.15 10.27 10.99
C ASN A 221 -12.06 11.76 11.36
N THR A 222 -12.49 12.66 10.46
CA THR A 222 -12.34 14.10 10.68
C THR A 222 -13.05 14.52 11.96
N LYS A 223 -14.29 14.04 12.14
CA LYS A 223 -15.06 14.42 13.32
C LYS A 223 -14.32 14.03 14.59
N PHE A 224 -13.71 12.85 14.59
CA PHE A 224 -12.94 12.40 15.74
C PHE A 224 -11.69 13.29 15.93
N TRP A 225 -10.93 13.45 14.85
CA TRP A 225 -9.65 14.13 14.90
C TRP A 225 -9.81 15.59 15.29
N ASN A 226 -10.76 16.28 14.66
CA ASN A 226 -10.97 17.69 14.92
C ASN A 226 -11.69 17.90 16.25
N GLY A 227 -12.23 16.83 16.83
CA GLY A 227 -12.90 16.89 18.13
C GLY A 227 -11.91 16.72 19.29
N LEU A 228 -10.67 16.34 18.96
CA LEU A 228 -9.65 16.19 19.99
C LEU A 228 -9.31 17.54 20.60
N PRO A 229 -8.82 17.57 21.86
CA PRO A 229 -8.30 18.80 22.44
C PRO A 229 -7.19 19.28 21.51
N GLU A 230 -7.10 20.60 21.34
N GLU A 230 -7.12 20.60 21.26
CA GLU A 230 -6.21 21.23 20.39
CA GLU A 230 -6.17 21.14 20.30
C GLU A 230 -4.75 20.91 20.71
C GLU A 230 -4.73 20.82 20.70
N ASP A 231 -4.42 20.86 22.01
CA ASP A 231 -3.05 20.60 22.44
C ASP A 231 -2.67 19.15 22.13
N VAL A 232 -3.62 18.24 22.34
CA VAL A 232 -3.40 16.82 22.09
C VAL A 232 -3.20 16.60 20.58
N ARG A 233 -4.09 17.17 19.77
CA ARG A 233 -4.00 16.99 18.33
C ARG A 233 -2.66 17.51 17.81
N GLY A 234 -2.20 18.63 18.35
CA GLY A 234 -0.92 19.19 17.90
C GLY A 234 0.22 18.21 18.07
N VAL A 235 0.26 17.56 19.24
CA VAL A 235 1.29 16.59 19.55
C VAL A 235 1.11 15.35 18.67
N LEU A 236 -0.13 14.89 18.49
CA LEU A 236 -0.37 13.72 17.65
C LEU A 236 0.07 13.96 16.21
N ALA A 237 -0.24 15.13 15.68
CA ALA A 237 0.09 15.46 14.29
C ALA A 237 1.60 15.51 14.10
N LYS A 238 2.30 16.18 15.03
CA LYS A 238 3.74 16.27 14.95
C LYS A 238 4.38 14.89 15.10
N THR A 239 3.81 14.07 15.98
CA THR A 239 4.33 12.73 16.20
C THR A 239 4.12 11.89 14.95
N ASP A 241 3.96 12.95 11.94
CA ASP A 241 4.90 13.42 10.92
C ASP A 241 6.29 12.82 11.14
N GLU A 242 6.71 12.70 12.41
N GLU A 242 6.71 12.72 12.39
CA GLU A 242 7.99 12.11 12.78
CA GLU A 242 8.00 12.11 12.68
C GLU A 242 8.03 10.61 12.44
C GLU A 242 7.98 10.64 12.29
N VAL A 243 6.89 9.94 12.62
CA VAL A 243 6.79 8.52 12.27
C VAL A 243 6.87 8.35 10.76
N THR A 244 6.16 9.20 10.02
CA THR A 244 6.19 9.15 8.56
C THR A 244 7.64 9.23 8.07
N VAL A 245 8.44 10.14 8.62
CA VAL A 245 9.83 10.25 8.19
C VAL A 245 10.56 8.94 8.40
N GLU A 246 10.35 8.31 9.56
CA GLU A 246 11.06 7.09 9.90
C GLU A 246 10.63 5.94 8.98
N VAL A 247 9.31 5.79 8.78
CA VAL A 247 8.80 4.76 7.92
C VAL A 247 9.43 4.89 6.54
N ASN A 248 9.42 6.11 6.02
CA ASN A 248 9.83 6.33 4.64
C ASN A 248 11.33 6.12 4.46
N LYS A 249 12.13 6.37 5.51
N LYS A 249 12.13 6.43 5.49
CA LYS A 249 13.57 6.25 5.37
CA LYS A 249 13.56 6.26 5.42
C LYS A 249 13.99 4.79 5.46
C LYS A 249 13.93 4.77 5.38
N GLN A 250 13.18 3.94 6.10
CA GLN A 250 13.58 2.55 6.29
C GLN A 250 12.85 1.54 5.42
N ALA A 251 11.82 1.96 4.67
CA ALA A 251 11.01 1.02 3.91
C ALA A 251 11.83 0.21 2.90
N GLU A 252 12.71 0.87 2.15
CA GLU A 252 13.51 0.17 1.16
C GLU A 252 14.37 -0.89 1.85
N ALA A 253 15.00 -0.52 2.97
CA ALA A 253 15.88 -1.44 3.69
C ALA A 253 15.11 -2.65 4.22
N LEU A 254 13.91 -2.42 4.74
CA LEU A 254 13.06 -3.50 5.21
C LEU A 254 12.77 -4.45 4.06
N ASN A 255 12.36 -3.91 2.91
CA ASN A 255 12.04 -4.73 1.75
C ASN A 255 13.27 -5.51 1.28
N GLN A 256 14.45 -4.88 1.34
CA GLN A 256 15.66 -5.59 0.95
C GLN A 256 15.97 -6.73 1.91
N GLY A 257 15.72 -6.52 3.21
CA GLY A 257 15.90 -7.58 4.19
C GLY A 257 15.00 -8.77 3.84
N ASP A 258 13.76 -8.49 3.46
CA ASP A 258 12.82 -9.55 3.14
C ASP A 258 13.17 -10.25 1.83
N LYS A 259 13.71 -9.50 0.87
CA LYS A 259 14.17 -10.13 -0.36
C LYS A 259 15.21 -11.20 0.01
N GLN A 260 16.16 -10.82 0.89
CA GLN A 260 17.23 -11.72 1.29
C GLN A 260 16.67 -12.91 2.08
N ARG A 261 15.66 -12.65 2.93
N ARG A 261 15.66 -12.66 2.92
CA ARG A 261 15.04 -13.71 3.69
CA ARG A 261 15.06 -13.75 3.68
C ARG A 261 14.37 -14.72 2.75
C ARG A 261 14.42 -14.73 2.71
N ILE A 262 13.83 -14.23 1.63
CA ILE A 262 13.21 -15.11 0.64
C ILE A 262 14.29 -15.99 0.02
N VAL A 263 15.41 -15.37 -0.38
CA VAL A 263 16.53 -16.11 -0.94
C VAL A 263 16.96 -17.21 0.04
N GLU A 264 17.13 -16.86 1.32
CA GLU A 264 17.60 -17.78 2.33
C GLU A 264 16.57 -18.87 2.66
N ALA A 265 15.29 -18.65 2.32
CA ALA A 265 14.23 -19.61 2.63
C ALA A 265 14.30 -20.84 1.71
N LYS A 266 14.96 -20.68 0.55
CA LYS A 266 15.19 -21.78 -0.38
C LYS A 266 13.87 -22.40 -0.84
N THR A 267 12.93 -21.55 -1.27
CA THR A 267 11.64 -21.98 -1.79
C THR A 267 11.45 -21.52 -3.24
N SER A 268 12.12 -20.41 -3.60
CA SER A 268 11.81 -19.73 -4.84
C SER A 268 13.07 -19.32 -5.59
N GLU A 269 12.84 -18.91 -6.84
CA GLU A 269 13.88 -18.38 -7.69
C GLU A 269 13.48 -16.95 -8.07
N ILE A 270 14.45 -16.03 -7.99
CA ILE A 270 14.22 -14.64 -8.32
C ILE A 270 14.72 -14.39 -9.73
N ILE A 271 13.82 -13.85 -10.55
CA ILE A 271 14.10 -13.54 -11.94
C ILE A 271 14.39 -12.05 -12.08
N GLU A 272 15.54 -11.73 -12.67
CA GLU A 272 15.87 -10.35 -12.98
C GLU A 272 15.57 -10.12 -14.45
N LEU A 273 15.09 -8.91 -14.76
CA LEU A 273 14.76 -8.55 -16.13
C LEU A 273 15.86 -7.66 -16.71
N THR A 274 16.14 -7.86 -17.99
CA THR A 274 17.02 -6.96 -18.73
C THR A 274 16.21 -5.69 -18.96
N PRO A 275 16.85 -4.53 -19.26
CA PRO A 275 16.09 -3.32 -19.57
C PRO A 275 15.09 -3.57 -20.70
N GLU A 276 15.48 -4.41 -21.67
CA GLU A 276 14.66 -4.71 -22.83
C GLU A 276 13.42 -5.49 -22.41
N GLN A 277 13.62 -6.48 -21.52
CA GLN A 277 12.52 -7.29 -21.03
C GLN A 277 11.52 -6.41 -20.27
N ARG A 278 12.04 -5.53 -19.40
CA ARG A 278 11.17 -4.67 -18.60
C ARG A 278 10.45 -3.70 -19.55
N ALA A 279 11.12 -3.33 -20.66
CA ALA A 279 10.53 -2.44 -21.64
C ALA A 279 9.31 -3.11 -22.30
N GLU A 280 9.38 -4.44 -22.49
CA GLU A 280 8.26 -5.18 -23.08
C GLU A 280 7.05 -5.10 -22.15
N TRP A 281 7.25 -5.31 -20.86
CA TRP A 281 6.18 -5.23 -19.88
C TRP A 281 5.55 -3.84 -19.89
N ARG A 282 6.41 -2.81 -19.95
CA ARG A 282 5.97 -1.43 -19.93
C ARG A 282 5.08 -1.11 -21.13
N LYS A 283 5.46 -1.60 -22.32
CA LYS A 283 4.70 -1.32 -23.53
C LYS A 283 3.34 -2.01 -23.50
N ALA A 284 3.28 -3.20 -22.89
CA ALA A 284 2.06 -3.98 -22.78
C ALA A 284 1.07 -3.37 -21.79
N GLN A 286 1.52 -0.12 -19.85
CA GLN A 286 1.48 1.32 -19.68
C GLN A 286 0.24 1.95 -20.35
N PRO A 287 -0.23 1.46 -21.52
CA PRO A 287 -1.42 2.03 -22.15
C PRO A 287 -2.74 2.03 -21.38
N VAL A 288 -2.82 1.31 -20.25
CA VAL A 288 -4.06 1.25 -19.48
C VAL A 288 -4.41 2.63 -18.93
N TRP A 289 -3.41 3.51 -18.86
CA TRP A 289 -3.57 4.86 -18.33
C TRP A 289 -4.74 5.59 -18.99
N LYS A 290 -4.87 5.40 -20.30
CA LYS A 290 -5.85 6.11 -21.11
C LYS A 290 -7.28 5.85 -20.64
N LYS A 291 -7.55 4.63 -20.15
CA LYS A 291 -8.89 4.27 -19.72
C LYS A 291 -9.32 5.06 -18.47
N PHE A 292 -8.36 5.60 -17.70
CA PHE A 292 -8.67 6.23 -16.43
C PHE A 292 -8.36 7.72 -16.41
N GLU A 293 -7.85 8.27 -17.53
CA GLU A 293 -7.48 9.68 -17.59
C GLU A 293 -8.64 10.59 -17.21
N GLY A 294 -9.84 10.26 -17.71
CA GLY A 294 -11.03 11.07 -17.49
C GLY A 294 -11.38 11.20 -16.02
N GLU A 295 -11.30 10.08 -15.28
CA GLU A 295 -11.67 10.03 -13.88
C GLU A 295 -10.58 10.65 -13.00
N ILE A 296 -9.32 10.39 -13.34
CA ILE A 296 -8.20 10.84 -12.52
C ILE A 296 -7.97 12.33 -12.75
N GLY A 297 -7.99 12.71 -14.03
CA GLY A 297 -7.67 14.07 -14.44
C GLY A 297 -6.37 14.06 -15.24
N ALA A 298 -6.47 14.43 -16.51
CA ALA A 298 -5.34 14.42 -17.42
C ALA A 298 -4.19 15.27 -16.89
N ASP A 299 -4.51 16.41 -16.28
CA ASP A 299 -3.50 17.34 -15.78
C ASP A 299 -2.83 16.77 -14.54
N LEU A 300 -3.57 15.95 -13.77
CA LEU A 300 -3.02 15.34 -12.57
C LEU A 300 -1.94 14.34 -12.99
N ILE A 301 -2.24 13.57 -14.04
CA ILE A 301 -1.33 12.57 -14.57
C ILE A 301 -0.10 13.27 -15.17
N LYS A 302 -0.29 14.46 -15.75
CA LYS A 302 0.80 15.20 -16.34
C LYS A 302 1.75 15.65 -15.24
N ALA A 303 1.19 16.02 -14.09
CA ALA A 303 1.97 16.44 -12.93
C ALA A 303 2.77 15.25 -12.38
N ALA A 304 2.20 14.05 -12.45
CA ALA A 304 2.89 12.87 -11.97
C ALA A 304 4.14 12.64 -12.80
N GLU A 305 4.03 12.84 -14.13
CA GLU A 305 5.17 12.65 -15.01
C GLU A 305 6.22 13.73 -14.74
N ALA A 306 5.77 14.93 -14.34
CA ALA A 306 6.68 16.01 -14.02
C ALA A 306 7.61 15.62 -12.87
N ALA A 307 7.12 14.73 -11.99
CA ALA A 307 7.88 14.29 -10.84
C ALA A 307 9.04 13.38 -11.25
N ASN A 308 8.93 12.74 -12.42
CA ASN A 308 9.99 11.84 -12.88
C ASN A 308 11.26 12.63 -13.22
N GLN A 309 11.18 13.97 -13.21
CA GLN A 309 12.33 14.81 -13.50
C GLN A 309 12.44 15.92 -12.45
#